data_9JMY
#
_entry.id   9JMY
#
_cell.length_a   75.831
_cell.length_b   75.831
_cell.length_c   157.008
_cell.angle_alpha   90.00
_cell.angle_beta   90.00
_cell.angle_gamma   120.00
#
_symmetry.space_group_name_H-M   'P 31 2 1'
#
loop_
_entity.id
_entity.type
_entity.pdbx_description
1 polymer '3-hydroxyisobutyrate dehydrogenase-like beta-hydroxyacid dehydrogenase'
2 non-polymer 'TRIETHYLENE GLYCOL'
3 non-polymer DI(HYDROXYETHYL)ETHER
4 non-polymer 'CHLORIDE ION'
5 non-polymer 'CALCIUM ION'
6 non-polymer 'NADPH DIHYDRO-NICOTINAMIDE-ADENINE-DINUCLEOTIDE PHOSPHATE'
7 water water
#
_entity_poly.entity_id   1
_entity_poly.type   'polypeptide(L)'
_entity_poly.pdbx_seq_one_letter_code
;MTSATVIGLGPMGQAMVRVLLEHGTAVTVWNRTKSRADDVVARGAVLAGTPAEALKAAGLVILSLTDYQAMYDVLGDAGE
ALAGRVVVNLSSDTPQRTREAAAWLAKRGATLVAGGIMVPAPLVGAEASYVFYSGPRDVFAEHEPVLRHIGRPEYLGEDH
GLAQLFYQAELTVFLTSLSAYLQAFALLAAEGADPARLVPFAREVSGLAASYLDETVSQTRARAYPGDLSTATMMGATAE
HILQACRDAGVDLALPEAVKSQYDRAIAAGHGGDNWTSLWEVVAKR
;
_entity_poly.pdbx_strand_id   A,B
#
loop_
_chem_comp.id
_chem_comp.type
_chem_comp.name
_chem_comp.formula
CA non-polymer 'CALCIUM ION' 'Ca 2'
CL non-polymer 'CHLORIDE ION' 'Cl -1'
NDP non-polymer 'NADPH DIHYDRO-NICOTINAMIDE-ADENINE-DINUCLEOTIDE PHOSPHATE' 'C21 H30 N7 O17 P3'
PEG non-polymer DI(HYDROXYETHYL)ETHER 'C4 H10 O3'
PGE non-polymer 'TRIETHYLENE GLYCOL' 'C6 H14 O4'
#
# COMPACT_ATOMS: atom_id res chain seq x y z
N THR A 2 -17.96 29.55 22.61
CA THR A 2 -18.43 28.13 22.66
C THR A 2 -17.67 27.32 23.72
N SER A 3 -18.27 26.20 24.12
CA SER A 3 -17.72 25.23 25.11
C SER A 3 -17.61 23.84 24.48
N ALA A 4 -16.61 23.08 24.93
CA ALA A 4 -16.26 21.73 24.42
C ALA A 4 -15.62 20.93 25.55
N THR A 5 -15.89 19.64 25.61
CA THR A 5 -15.11 18.70 26.45
C THR A 5 -14.39 17.75 25.49
N VAL A 6 -13.11 17.49 25.77
CA VAL A 6 -12.32 16.47 25.07
C VAL A 6 -11.89 15.42 26.11
N ILE A 7 -12.27 14.17 25.87
CA ILE A 7 -11.90 13.02 26.71
C ILE A 7 -10.91 12.15 25.93
N GLY A 8 -9.69 12.03 26.44
CA GLY A 8 -8.58 11.28 25.83
C GLY A 8 -7.56 12.24 25.25
N LEU A 9 -6.31 12.12 25.71
CA LEU A 9 -5.22 13.08 25.46
C LEU A 9 -3.99 12.33 24.99
N GLY A 10 -4.19 11.42 24.04
CA GLY A 10 -3.11 10.98 23.15
C GLY A 10 -2.81 12.14 22.21
N PRO A 11 -1.91 11.96 21.23
CA PRO A 11 -1.53 13.07 20.36
C PRO A 11 -2.73 13.73 19.65
N MET A 12 -3.76 12.96 19.27
CA MET A 12 -4.94 13.46 18.51
C MET A 12 -5.83 14.29 19.42
N GLY A 13 -6.14 13.78 20.62
CA GLY A 13 -6.89 14.55 21.60
C GLY A 13 -6.21 15.88 21.91
N GLN A 14 -4.91 15.87 22.18
CA GLN A 14 -4.19 17.11 22.54
C GLN A 14 -4.23 18.07 21.34
N ALA A 15 -4.04 17.55 20.13
CA ALA A 15 -4.06 18.37 18.90
C ALA A 15 -5.43 19.03 18.78
N MET A 16 -6.51 18.28 18.97
CA MET A 16 -7.88 18.83 18.86
C MET A 16 -8.11 19.91 19.91
N VAL A 17 -7.65 19.65 21.15
CA VAL A 17 -7.72 20.63 22.27
C VAL A 17 -6.95 21.90 21.87
N ARG A 18 -5.73 21.77 21.37
CA ARG A 18 -4.90 22.95 21.00
C ARG A 18 -5.65 23.77 19.94
N VAL A 19 -6.15 23.13 18.87
CA VAL A 19 -6.89 23.80 17.77
C VAL A 19 -8.16 24.47 18.32
N LEU A 20 -8.94 23.82 19.17
CA LEU A 20 -10.17 24.44 19.71
C LEU A 20 -9.79 25.67 20.56
N LEU A 21 -8.79 25.55 21.44
CA LEU A 21 -8.25 26.68 22.26
C LEU A 21 -7.80 27.83 21.33
N GLU A 22 -7.10 27.50 20.26
CA GLU A 22 -6.54 28.49 19.31
C GLU A 22 -7.69 29.32 18.72
N HIS A 23 -8.89 28.75 18.60
CA HIS A 23 -10.08 29.43 18.03
C HIS A 23 -10.97 29.98 19.14
N GLY A 24 -10.52 30.05 20.39
CA GLY A 24 -11.24 30.67 21.53
C GLY A 24 -12.31 29.77 22.14
N THR A 25 -12.35 28.47 21.83
CA THR A 25 -13.28 27.51 22.49
C THR A 25 -12.81 27.31 23.92
N ALA A 26 -13.71 27.34 24.91
CA ALA A 26 -13.41 26.94 26.30
C ALA A 26 -13.43 25.41 26.34
N VAL A 27 -12.29 24.81 26.69
CA VAL A 27 -12.11 23.33 26.59
C VAL A 27 -11.86 22.79 28.00
N THR A 28 -12.75 21.89 28.42
CA THR A 28 -12.55 20.98 29.57
C THR A 28 -12.07 19.65 29.01
N VAL A 29 -11.10 19.05 29.70
CA VAL A 29 -10.43 17.77 29.34
C VAL A 29 -10.55 16.83 30.52
N TRP A 30 -10.45 15.52 30.24
CA TRP A 30 -10.18 14.43 31.22
C TRP A 30 -9.29 13.39 30.54
N ASN A 31 -8.36 12.80 31.29
CA ASN A 31 -7.53 11.66 30.84
C ASN A 31 -7.26 10.72 32.02
N ARG A 32 -7.18 9.41 31.75
CA ARG A 32 -6.73 8.36 32.68
C ARG A 32 -5.37 8.76 33.23
N THR A 33 -4.34 8.85 32.38
CA THR A 33 -2.99 9.30 32.79
C THR A 33 -2.99 10.83 32.90
N LYS A 34 -3.15 11.34 34.12
CA LYS A 34 -3.46 12.77 34.44
C LYS A 34 -2.30 13.66 34.00
N SER A 35 -1.09 13.12 33.89
CA SER A 35 0.14 13.84 33.47
C SER A 35 0.02 14.30 32.00
N ARG A 36 -0.65 13.53 31.14
CA ARG A 36 -0.79 13.85 29.69
C ARG A 36 -1.56 15.17 29.49
N ALA A 37 -2.35 15.59 30.49
CA ALA A 37 -3.11 16.86 30.45
C ALA A 37 -2.18 18.04 30.71
N ASP A 38 -0.94 17.79 31.17
CA ASP A 38 0.00 18.87 31.58
C ASP A 38 0.07 19.89 30.44
N ASP A 39 0.23 19.45 29.19
CA ASP A 39 0.48 20.38 28.07
C ASP A 39 -0.77 21.22 27.77
N VAL A 40 -1.97 20.65 27.80
CA VAL A 40 -3.19 21.44 27.40
C VAL A 40 -3.66 22.31 28.59
N VAL A 41 -3.42 21.88 29.82
CA VAL A 41 -3.63 22.69 31.04
C VAL A 41 -2.72 23.93 30.96
N ALA A 42 -1.47 23.75 30.54
CA ALA A 42 -0.47 24.82 30.32
C ALA A 42 -0.93 25.80 29.23
N ARG A 43 -1.77 25.37 28.29
CA ARG A 43 -2.35 26.25 27.23
C ARG A 43 -3.78 26.65 27.63
N GLY A 44 -4.18 26.32 28.86
CA GLY A 44 -5.41 26.86 29.50
C GLY A 44 -6.63 25.97 29.32
N ALA A 45 -6.48 24.69 28.94
CA ALA A 45 -7.54 23.69 29.12
C ALA A 45 -7.69 23.48 30.63
N VAL A 46 -8.91 23.17 31.06
CA VAL A 46 -9.31 22.86 32.46
C VAL A 46 -9.36 21.33 32.62
N LEU A 47 -8.58 20.80 33.56
CA LEU A 47 -8.57 19.35 33.89
C LEU A 47 -9.70 19.08 34.88
N ALA A 48 -10.73 18.34 34.44
CA ALA A 48 -11.82 17.83 35.31
C ALA A 48 -11.28 16.69 36.18
N GLY A 49 -11.77 16.60 37.41
CA GLY A 49 -11.34 15.56 38.37
C GLY A 49 -11.83 14.20 37.92
N THR A 50 -13.05 14.16 37.39
CA THR A 50 -13.79 12.94 36.96
C THR A 50 -14.29 13.09 35.52
N PRO A 51 -14.52 11.98 34.78
CA PRO A 51 -15.27 12.00 33.52
C PRO A 51 -16.67 12.65 33.55
N ALA A 52 -17.47 12.39 34.59
CA ALA A 52 -18.77 13.05 34.84
C ALA A 52 -18.59 14.58 34.97
N GLU A 53 -17.51 15.04 35.61
CA GLU A 53 -17.22 16.50 35.75
C GLU A 53 -16.89 17.07 34.36
N ALA A 54 -16.07 16.36 33.59
CA ALA A 54 -15.77 16.66 32.17
C ALA A 54 -17.07 16.86 31.40
N LEU A 55 -17.97 15.87 31.44
CA LEU A 55 -19.23 15.85 30.63
C LEU A 55 -20.09 17.06 30.98
N LYS A 56 -20.16 17.44 32.27
CA LYS A 56 -21.03 18.54 32.78
C LYS A 56 -20.55 19.87 32.22
N ALA A 57 -19.29 19.96 31.79
CA ALA A 57 -18.63 21.20 31.36
C ALA A 57 -19.20 21.68 30.03
N ALA A 58 -19.71 20.80 29.15
CA ALA A 58 -20.18 21.21 27.79
C ALA A 58 -21.32 20.34 27.26
N GLY A 59 -22.07 20.88 26.31
CA GLY A 59 -23.07 20.17 25.51
C GLY A 59 -22.38 19.28 24.49
N LEU A 60 -21.13 19.63 24.14
CA LEU A 60 -20.33 18.99 23.06
C LEU A 60 -19.17 18.20 23.70
N VAL A 61 -19.16 16.88 23.55
CA VAL A 61 -18.14 15.97 24.17
C VAL A 61 -17.43 15.18 23.08
N ILE A 62 -16.13 15.40 22.95
CA ILE A 62 -15.28 14.74 21.91
C ILE A 62 -14.48 13.64 22.58
N LEU A 63 -14.60 12.41 22.07
CA LEU A 63 -13.80 11.26 22.56
C LEU A 63 -12.74 10.92 21.52
N SER A 64 -11.48 10.86 21.94
CA SER A 64 -10.28 10.43 21.17
C SER A 64 -9.57 9.33 21.97
N LEU A 65 -10.16 8.13 21.96
CA LEU A 65 -9.64 6.99 22.75
C LEU A 65 -9.21 5.88 21.79
N THR A 66 -8.43 4.93 22.30
CA THR A 66 -7.78 3.84 21.54
C THR A 66 -8.86 3.02 20.83
N ASP A 67 -10.02 2.84 21.47
CA ASP A 67 -11.14 2.01 20.95
C ASP A 67 -12.43 2.37 21.67
N TYR A 68 -13.56 1.80 21.25
CA TYR A 68 -14.87 2.05 21.90
C TYR A 68 -14.96 1.36 23.27
N GLN A 69 -14.14 0.34 23.56
CA GLN A 69 -14.11 -0.27 24.92
C GLN A 69 -13.69 0.82 25.90
N ALA A 70 -12.67 1.60 25.54
CA ALA A 70 -12.14 2.70 26.38
C ALA A 70 -13.27 3.68 26.68
N MET A 71 -14.19 3.89 25.74
CA MET A 71 -15.37 4.76 25.97
C MET A 71 -16.15 4.18 27.15
N TYR A 72 -16.37 2.86 27.15
CA TYR A 72 -17.21 2.17 28.16
C TYR A 72 -16.45 2.18 29.49
N ASP A 73 -15.15 1.94 29.51
CA ASP A 73 -14.33 1.96 30.74
C ASP A 73 -14.41 3.34 31.40
N VAL A 74 -14.64 4.39 30.62
CA VAL A 74 -14.46 5.79 31.08
C VAL A 74 -15.83 6.37 31.40
N LEU A 75 -16.81 6.14 30.54
CA LEU A 75 -18.19 6.70 30.68
C LEU A 75 -19.12 5.63 31.28
N GLY A 76 -18.58 4.45 31.61
CA GLY A 76 -19.32 3.31 32.20
C GLY A 76 -20.13 3.72 33.41
N ASP A 77 -19.54 4.55 34.28
CA ASP A 77 -20.20 5.01 35.53
C ASP A 77 -20.67 6.46 35.37
N ALA A 78 -20.62 7.00 34.16
CA ALA A 78 -21.02 8.42 33.92
C ALA A 78 -22.52 8.62 34.19
N GLY A 79 -23.36 7.75 33.68
CA GLY A 79 -24.79 7.84 33.99
C GLY A 79 -25.45 9.14 33.58
N GLU A 80 -26.02 9.83 34.55
CA GLU A 80 -26.84 11.06 34.39
C GLU A 80 -26.06 12.17 33.68
N ALA A 81 -24.76 12.23 33.88
CA ALA A 81 -23.88 13.24 33.26
C ALA A 81 -24.06 13.24 31.74
N LEU A 82 -24.40 12.10 31.13
CA LEU A 82 -24.45 11.92 29.65
C LEU A 82 -25.74 12.52 29.06
N ALA A 83 -26.80 12.68 29.84
CA ALA A 83 -28.14 13.07 29.31
C ALA A 83 -28.08 14.47 28.69
N GLY A 84 -28.71 14.60 27.51
CA GLY A 84 -28.78 15.85 26.71
C GLY A 84 -27.47 16.19 26.01
N ARG A 85 -26.39 15.41 26.21
CA ARG A 85 -25.05 15.73 25.64
C ARG A 85 -24.87 15.07 24.26
N VAL A 86 -24.03 15.69 23.45
CA VAL A 86 -23.65 15.19 22.09
C VAL A 86 -22.24 14.64 22.24
N VAL A 87 -22.08 13.33 22.03
CA VAL A 87 -20.80 12.59 22.13
C VAL A 87 -20.29 12.41 20.70
N VAL A 88 -19.23 13.13 20.36
CA VAL A 88 -18.61 13.03 19.02
C VAL A 88 -17.43 12.10 19.22
N ASN A 89 -17.60 10.81 18.86
CA ASN A 89 -16.59 9.78 19.14
C ASN A 89 -15.72 9.62 17.89
N LEU A 90 -14.48 10.10 17.99
CA LEU A 90 -13.48 10.09 16.90
C LEU A 90 -12.42 9.04 17.23
N SER A 91 -12.87 7.86 17.65
CA SER A 91 -12.03 6.67 17.98
C SER A 91 -12.28 5.55 16.98
N SER A 92 -11.20 4.81 16.68
CA SER A 92 -11.16 3.57 15.89
C SER A 92 -11.90 2.45 16.62
N ASP A 93 -12.70 1.70 15.86
CA ASP A 93 -13.41 0.44 16.25
C ASP A 93 -14.19 -0.07 15.04
N THR A 94 -14.99 -1.12 15.21
CA THR A 94 -15.75 -1.75 14.09
C THR A 94 -17.02 -0.94 13.90
N PRO A 95 -17.57 -0.97 12.67
CA PRO A 95 -18.88 -0.38 12.41
C PRO A 95 -19.98 -0.92 13.35
N GLN A 96 -20.06 -2.24 13.53
CA GLN A 96 -21.02 -2.89 14.46
C GLN A 96 -20.85 -2.31 15.87
N ARG A 97 -19.63 -2.24 16.40
CA ARG A 97 -19.45 -1.76 17.80
C ARG A 97 -19.84 -0.27 17.88
N THR A 98 -19.67 0.50 16.80
CA THR A 98 -20.02 1.93 16.77
C THR A 98 -21.54 2.06 16.81
N ARG A 99 -22.23 1.21 16.06
CA ARG A 99 -23.72 1.15 15.98
C ARG A 99 -24.29 0.76 17.35
N GLU A 100 -23.71 -0.24 18.00
CA GLU A 100 -24.18 -0.72 19.32
C GLU A 100 -23.90 0.41 20.35
N ALA A 101 -22.75 1.09 20.26
CA ALA A 101 -22.44 2.28 21.08
C ALA A 101 -23.52 3.36 20.93
N ALA A 102 -24.08 3.55 19.74
CA ALA A 102 -25.12 4.59 19.49
C ALA A 102 -26.34 4.26 20.36
N ALA A 103 -26.77 2.98 20.35
CA ALA A 103 -27.91 2.43 21.11
C ALA A 103 -27.72 2.69 22.60
N TRP A 104 -26.55 2.29 23.11
CA TRP A 104 -26.14 2.36 24.53
C TRP A 104 -26.20 3.81 25.00
N LEU A 105 -25.73 4.73 24.16
CA LEU A 105 -25.64 6.17 24.49
C LEU A 105 -27.06 6.74 24.51
N ALA A 106 -27.85 6.46 23.49
CA ALA A 106 -29.27 6.84 23.34
C ALA A 106 -30.06 6.48 24.60
N LYS A 107 -29.92 5.24 25.09
CA LYS A 107 -30.62 4.79 26.33
C LYS A 107 -30.31 5.80 27.43
N ARG A 108 -29.08 6.31 27.50
CA ARG A 108 -28.63 7.24 28.58
C ARG A 108 -28.91 8.71 28.20
N GLY A 109 -29.74 8.95 27.19
CA GLY A 109 -30.15 10.29 26.72
C GLY A 109 -29.04 11.11 26.07
N ALA A 110 -27.95 10.49 25.58
CA ALA A 110 -26.91 11.14 24.76
C ALA A 110 -27.05 10.75 23.28
N THR A 111 -26.79 11.68 22.37
CA THR A 111 -26.63 11.42 20.92
C THR A 111 -25.16 11.09 20.61
N LEU A 112 -24.92 10.11 19.73
CA LEU A 112 -23.61 9.79 19.12
C LEU A 112 -23.54 10.42 17.73
N VAL A 113 -22.47 11.18 17.49
CA VAL A 113 -21.93 11.41 16.11
C VAL A 113 -20.60 10.65 16.04
N ALA A 114 -20.53 9.63 15.21
CA ALA A 114 -19.27 8.87 15.03
C ALA A 114 -18.44 9.63 13.98
N GLY A 115 -17.14 9.65 14.19
CA GLY A 115 -16.23 10.19 13.18
C GLY A 115 -14.88 9.51 13.18
N GLY A 116 -14.13 9.87 12.13
CA GLY A 116 -12.78 9.38 11.80
C GLY A 116 -11.96 10.52 11.20
N ILE A 117 -10.89 10.89 11.88
CA ILE A 117 -9.93 11.96 11.44
C ILE A 117 -8.94 11.34 10.46
N MET A 118 -8.78 11.90 9.26
CA MET A 118 -8.07 11.22 8.17
C MET A 118 -6.66 11.81 7.98
N VAL A 119 -6.13 12.52 8.98
CA VAL A 119 -4.72 13.01 9.02
C VAL A 119 -4.14 12.81 10.41
N PRO A 120 -2.81 12.72 10.54
CA PRO A 120 -2.15 12.66 11.85
C PRO A 120 -2.25 13.96 12.67
N ALA A 121 -1.88 13.89 13.94
CA ALA A 121 -1.98 15.00 14.92
C ALA A 121 -1.35 16.30 14.35
N PRO A 122 -0.11 16.29 13.80
CA PRO A 122 0.50 17.54 13.32
C PRO A 122 -0.32 18.23 12.23
N LEU A 123 -1.24 17.53 11.55
CA LEU A 123 -2.05 18.12 10.46
C LEU A 123 -3.45 18.45 10.94
N VAL A 124 -3.79 18.18 12.19
CA VAL A 124 -5.13 18.58 12.73
C VAL A 124 -5.25 20.10 12.53
N GLY A 125 -6.31 20.54 11.84
CA GLY A 125 -6.56 21.97 11.59
C GLY A 125 -5.76 22.50 10.40
N ALA A 126 -4.96 21.69 9.73
CA ALA A 126 -4.21 22.07 8.50
C ALA A 126 -5.15 21.98 7.30
N GLU A 127 -4.70 22.49 6.17
CA GLU A 127 -5.50 22.55 4.92
C GLU A 127 -5.99 21.13 4.55
N ALA A 128 -5.13 20.12 4.67
CA ALA A 128 -5.34 18.72 4.24
C ALA A 128 -6.30 17.97 5.17
N SER A 129 -6.51 18.45 6.39
CA SER A 129 -7.34 17.73 7.40
C SER A 129 -8.78 17.57 6.87
N TYR A 130 -9.32 16.37 7.01
CA TYR A 130 -10.78 16.11 6.87
C TYR A 130 -11.17 15.02 7.88
N VAL A 131 -12.46 14.99 8.22
CA VAL A 131 -13.03 14.08 9.26
C VAL A 131 -14.34 13.52 8.71
N PHE A 132 -14.47 12.21 8.63
CA PHE A 132 -15.80 11.60 8.37
C PHE A 132 -16.66 11.76 9.60
N TYR A 133 -17.93 12.02 9.40
CA TYR A 133 -18.99 12.07 10.43
C TYR A 133 -20.17 11.28 9.91
N SER A 134 -20.87 10.62 10.82
CA SER A 134 -22.18 10.00 10.55
C SER A 134 -22.99 9.95 11.85
N GLY A 135 -24.31 9.90 11.70
CA GLY A 135 -25.28 10.06 12.79
C GLY A 135 -26.33 11.10 12.42
N PRO A 136 -27.13 11.56 13.40
CA PRO A 136 -28.25 12.44 13.14
C PRO A 136 -27.75 13.78 12.59
N ARG A 137 -28.19 14.09 11.36
CA ARG A 137 -27.76 15.25 10.54
C ARG A 137 -27.90 16.54 11.36
N ASP A 138 -29.06 16.72 11.97
CA ASP A 138 -29.46 17.99 12.67
C ASP A 138 -28.55 18.23 13.88
N VAL A 139 -28.12 17.17 14.57
CA VAL A 139 -27.20 17.30 15.74
C VAL A 139 -25.78 17.63 15.23
N PHE A 140 -25.31 16.89 14.23
CA PHE A 140 -23.98 17.14 13.63
C PHE A 140 -23.92 18.62 13.22
N ALA A 141 -24.92 19.08 12.48
CA ALA A 141 -25.06 20.44 11.93
C ALA A 141 -25.05 21.49 13.06
N GLU A 142 -25.67 21.23 14.20
CA GLU A 142 -25.67 22.20 15.32
C GLU A 142 -24.23 22.37 15.83
N HIS A 143 -23.39 21.35 15.75
CA HIS A 143 -22.04 21.38 16.38
C HIS A 143 -20.93 21.60 15.36
N GLU A 144 -21.26 21.48 14.08
CA GLU A 144 -20.30 21.47 12.93
C GLU A 144 -19.44 22.75 12.94
N PRO A 145 -19.97 23.95 13.30
CA PRO A 145 -19.15 25.15 13.32
C PRO A 145 -17.96 25.09 14.30
N VAL A 146 -18.10 24.35 15.40
CA VAL A 146 -16.98 24.12 16.35
C VAL A 146 -16.12 22.95 15.82
N LEU A 147 -16.75 21.86 15.36
CA LEU A 147 -16.05 20.66 14.83
C LEU A 147 -15.19 21.01 13.61
N ARG A 148 -15.61 21.95 12.77
CA ARG A 148 -14.91 22.26 11.50
C ARG A 148 -13.46 22.68 11.77
N HIS A 149 -13.10 23.14 12.97
CA HIS A 149 -11.73 23.67 13.25
C HIS A 149 -10.71 22.52 13.22
N ILE A 150 -11.16 21.29 13.43
CA ILE A 150 -10.32 20.06 13.39
C ILE A 150 -9.96 19.70 11.94
N GLY A 151 -10.86 19.98 11.00
CA GLY A 151 -10.69 19.58 9.60
C GLY A 151 -12.00 19.61 8.86
N ARG A 152 -11.94 19.64 7.53
CA ARG A 152 -13.16 19.70 6.68
C ARG A 152 -14.08 18.55 7.07
N PRO A 153 -15.33 18.84 7.50
CA PRO A 153 -16.29 17.79 7.83
C PRO A 153 -16.83 17.13 6.56
N GLU A 154 -16.75 15.80 6.49
CA GLU A 154 -17.37 14.95 5.46
C GLU A 154 -18.49 14.14 6.13
N TYR A 155 -19.71 14.69 6.10
CA TYR A 155 -20.90 14.04 6.69
C TYR A 155 -21.40 12.95 5.73
N LEU A 156 -21.42 11.69 6.17
CA LEU A 156 -21.72 10.55 5.27
C LEU A 156 -23.20 10.15 5.36
N GLY A 157 -23.90 10.50 6.43
CA GLY A 157 -25.31 10.08 6.59
C GLY A 157 -25.64 9.66 8.00
N GLU A 158 -26.83 9.08 8.14
CA GLU A 158 -27.53 8.88 9.44
C GLU A 158 -26.96 7.64 10.15
N ASP A 159 -26.57 6.61 9.40
CA ASP A 159 -25.99 5.37 9.97
C ASP A 159 -24.69 5.75 10.71
N HIS A 160 -24.65 5.54 12.03
CA HIS A 160 -23.49 5.85 12.92
C HIS A 160 -22.25 5.03 12.50
N GLY A 161 -22.44 3.86 11.90
CA GLY A 161 -21.35 2.97 11.45
C GLY A 161 -20.69 3.41 10.14
N LEU A 162 -21.21 4.39 9.41
CA LEU A 162 -20.63 4.84 8.11
C LEU A 162 -19.27 5.50 8.29
N ALA A 163 -19.17 6.50 9.17
CA ALA A 163 -17.90 7.21 9.44
C ALA A 163 -16.85 6.17 9.82
N GLN A 164 -17.21 5.27 10.73
CA GLN A 164 -16.28 4.19 11.17
C GLN A 164 -15.89 3.31 9.97
N LEU A 165 -16.86 2.92 9.13
CA LEU A 165 -16.64 2.04 7.94
C LEU A 165 -15.62 2.69 6.99
N PHE A 166 -15.81 3.97 6.69
CA PHE A 166 -14.90 4.73 5.81
C PHE A 166 -13.53 4.84 6.48
N TYR A 167 -13.47 5.14 7.77
CA TYR A 167 -12.19 5.23 8.51
C TYR A 167 -11.44 3.88 8.42
N GLN A 168 -12.10 2.77 8.79
CA GLN A 168 -11.45 1.44 8.72
C GLN A 168 -10.98 1.14 7.28
N ALA A 169 -11.76 1.47 6.26
CA ALA A 169 -11.38 1.18 4.84
C ALA A 169 -10.15 2.00 4.48
N GLU A 170 -10.15 3.27 4.87
CA GLU A 170 -9.01 4.20 4.70
C GLU A 170 -7.78 3.64 5.40
N LEU A 171 -7.91 3.13 6.63
CA LEU A 171 -6.72 2.67 7.39
C LEU A 171 -6.30 1.29 6.88
N THR A 172 -7.20 0.55 6.22
CA THR A 172 -6.78 -0.66 5.49
C THR A 172 -5.74 -0.21 4.44
N VAL A 173 -6.02 0.85 3.71
CA VAL A 173 -5.07 1.35 2.65
C VAL A 173 -3.79 1.84 3.37
N PHE A 174 -3.97 2.65 4.41
CA PHE A 174 -2.85 3.38 5.06
C PHE A 174 -1.89 2.41 5.75
N LEU A 175 -2.38 1.60 6.70
CA LEU A 175 -1.53 0.67 7.51
C LEU A 175 -0.89 -0.38 6.58
N THR A 176 -1.67 -0.93 5.65
CA THR A 176 -1.11 -1.95 4.72
C THR A 176 -0.01 -1.28 3.86
N SER A 177 -0.16 -0.02 3.45
CA SER A 177 0.88 0.67 2.65
C SER A 177 2.16 0.84 3.48
N LEU A 178 2.01 1.29 4.71
CA LEU A 178 3.17 1.47 5.64
C LEU A 178 3.88 0.13 5.79
N SER A 179 3.15 -0.96 6.03
CA SER A 179 3.77 -2.31 6.17
C SER A 179 4.45 -2.73 4.87
N ALA A 180 3.90 -2.36 3.70
CA ALA A 180 4.51 -2.73 2.40
C ALA A 180 5.84 -1.98 2.24
N TYR A 181 5.88 -0.75 2.76
CA TYR A 181 7.12 0.07 2.81
C TYR A 181 8.18 -0.61 3.67
N LEU A 182 7.83 -1.03 4.90
CA LEU A 182 8.77 -1.78 5.76
C LEU A 182 9.26 -3.00 5.00
N GLN A 183 8.32 -3.71 4.37
CA GLN A 183 8.62 -4.97 3.65
C GLN A 183 9.63 -4.70 2.55
N ALA A 184 9.44 -3.62 1.78
CA ALA A 184 10.34 -3.29 0.67
C ALA A 184 11.71 -2.94 1.27
N PHE A 185 11.72 -2.15 2.35
CA PHE A 185 12.97 -1.69 2.98
C PHE A 185 13.71 -2.88 3.56
N ALA A 186 13.01 -3.84 4.16
CA ALA A 186 13.64 -5.01 4.80
C ALA A 186 14.37 -5.84 3.74
N LEU A 187 13.73 -6.02 2.57
CA LEU A 187 14.29 -6.83 1.47
C LEU A 187 15.63 -6.20 1.06
N LEU A 188 15.63 -4.88 0.81
CA LEU A 188 16.85 -4.12 0.41
C LEU A 188 17.92 -4.32 1.50
N ALA A 189 17.58 -3.96 2.74
CA ALA A 189 18.52 -3.97 3.88
C ALA A 189 19.13 -5.35 4.03
N ALA A 190 18.33 -6.41 3.93
CA ALA A 190 18.80 -7.80 4.14
C ALA A 190 19.86 -8.18 3.10
N GLU A 191 19.74 -7.65 1.89
CA GLU A 191 20.68 -7.96 0.78
C GLU A 191 21.81 -6.92 0.75
N GLY A 192 21.81 -6.01 1.71
CA GLY A 192 22.95 -5.10 1.97
C GLY A 192 22.83 -3.78 1.23
N ALA A 193 21.71 -3.53 0.55
CA ALA A 193 21.45 -2.23 -0.13
C ALA A 193 20.80 -1.27 0.88
N ASP A 194 21.01 0.03 0.68
CA ASP A 194 20.47 1.11 1.53
C ASP A 194 19.00 1.34 1.21
N PRO A 195 18.06 1.07 2.16
CA PRO A 195 16.63 1.25 1.91
C PRO A 195 16.29 2.67 1.43
N ALA A 196 17.10 3.66 1.82
CA ALA A 196 16.94 5.09 1.47
C ALA A 196 17.01 5.26 -0.05
N ARG A 197 17.74 4.38 -0.74
CA ARG A 197 17.84 4.40 -2.23
C ARG A 197 16.46 4.19 -2.89
N LEU A 198 15.56 3.44 -2.24
CA LEU A 198 14.22 3.10 -2.80
C LEU A 198 13.28 4.31 -2.73
N VAL A 199 13.53 5.27 -1.83
CA VAL A 199 12.49 6.24 -1.36
C VAL A 199 11.78 6.88 -2.54
N PRO A 200 12.45 7.58 -3.48
CA PRO A 200 11.73 8.27 -4.54
C PRO A 200 10.98 7.31 -5.48
N PHE A 201 11.48 6.09 -5.66
CA PHE A 201 10.85 5.08 -6.55
C PHE A 201 9.60 4.52 -5.85
N ALA A 202 9.65 4.38 -4.53
CA ALA A 202 8.51 3.89 -3.72
C ALA A 202 7.38 4.93 -3.79
N ARG A 203 7.70 6.20 -3.58
CA ARG A 203 6.71 7.29 -3.67
C ARG A 203 6.07 7.28 -5.06
N GLU A 204 6.89 7.13 -6.11
CA GLU A 204 6.44 7.08 -7.53
C GLU A 204 5.50 5.88 -7.74
N VAL A 205 5.85 4.73 -7.19
CA VAL A 205 5.01 3.52 -7.46
C VAL A 205 3.69 3.63 -6.67
N SER A 206 3.68 4.29 -5.52
CA SER A 206 2.45 4.65 -4.77
C SER A 206 1.54 5.54 -5.61
N GLY A 207 2.11 6.54 -6.30
CA GLY A 207 1.38 7.41 -7.25
C GLY A 207 0.75 6.54 -8.33
N LEU A 208 1.53 5.63 -8.91
CA LEU A 208 1.09 4.75 -10.00
C LEU A 208 -0.07 3.87 -9.48
N ALA A 209 0.12 3.21 -8.34
CA ALA A 209 -0.92 2.39 -7.70
C ALA A 209 -2.23 3.20 -7.59
N ALA A 210 -2.17 4.43 -7.05
CA ALA A 210 -3.36 5.29 -6.85
C ALA A 210 -4.03 5.58 -8.19
N SER A 211 -3.28 5.68 -9.28
CA SER A 211 -3.89 5.98 -10.61
C SER A 211 -4.80 4.82 -11.06
N TYR A 212 -4.72 3.62 -10.46
CA TYR A 212 -5.57 2.47 -10.86
C TYR A 212 -6.90 2.44 -10.10
N LEU A 213 -7.16 3.41 -9.22
CA LEU A 213 -8.34 3.37 -8.31
C LEU A 213 -9.64 3.31 -9.14
N ASP A 214 -9.80 4.18 -10.14
CA ASP A 214 -11.09 4.29 -10.89
C ASP A 214 -11.37 2.96 -11.59
N GLU A 215 -10.36 2.39 -12.25
CA GLU A 215 -10.59 1.19 -13.10
C GLU A 215 -10.80 -0.03 -12.17
N THR A 216 -10.26 0.02 -10.94
CA THR A 216 -10.53 -0.98 -9.88
C THR A 216 -12.02 -0.96 -9.52
N VAL A 217 -12.57 0.24 -9.30
CA VAL A 217 -14.02 0.42 -9.02
C VAL A 217 -14.83 -0.16 -10.19
N SER A 218 -14.54 0.22 -11.43
CA SER A 218 -15.40 -0.17 -12.59
C SER A 218 -15.30 -1.68 -12.78
N GLN A 219 -14.10 -2.24 -12.78
CA GLN A 219 -13.86 -3.67 -13.09
C GLN A 219 -14.46 -4.55 -11.99
N THR A 220 -14.29 -4.18 -10.72
CA THR A 220 -14.79 -5.01 -9.58
C THR A 220 -16.33 -4.96 -9.55
N ARG A 221 -16.95 -3.81 -9.76
CA ARG A 221 -18.43 -3.70 -9.80
C ARG A 221 -19.00 -4.52 -10.96
N ALA A 222 -18.37 -4.47 -12.14
CA ALA A 222 -18.81 -5.20 -13.35
C ALA A 222 -18.42 -6.68 -13.25
N ARG A 223 -17.58 -7.03 -12.28
CA ARG A 223 -16.86 -8.33 -12.23
C ARG A 223 -16.35 -8.66 -13.63
N ALA A 224 -15.76 -7.65 -14.27
CA ALA A 224 -15.13 -7.68 -15.61
C ALA A 224 -13.63 -7.39 -15.46
N TYR A 225 -12.78 -8.33 -15.88
CA TYR A 225 -11.35 -8.40 -15.53
C TYR A 225 -10.49 -8.70 -16.76
N PRO A 226 -10.49 -7.82 -17.80
CA PRO A 226 -9.72 -8.09 -19.02
C PRO A 226 -8.21 -8.10 -18.78
N GLY A 227 -7.54 -9.19 -19.17
CA GLY A 227 -6.15 -9.47 -18.77
C GLY A 227 -5.13 -9.07 -19.82
N ASP A 228 -5.49 -8.21 -20.76
CA ASP A 228 -4.67 -7.91 -21.96
C ASP A 228 -3.45 -7.03 -21.62
N LEU A 229 -3.46 -6.24 -20.54
CA LEU A 229 -2.28 -5.41 -20.15
C LEU A 229 -1.44 -6.11 -19.06
N SER A 230 -2.00 -7.08 -18.34
CA SER A 230 -1.41 -7.70 -17.13
C SER A 230 -2.35 -8.77 -16.59
N THR A 231 -1.87 -10.01 -16.52
CA THR A 231 -2.64 -11.15 -16.04
C THR A 231 -2.35 -11.36 -14.55
N ALA A 232 -3.31 -11.97 -13.86
CA ALA A 232 -3.15 -12.50 -12.49
C ALA A 232 -2.00 -13.53 -12.45
N THR A 233 -1.77 -14.30 -13.51
CA THR A 233 -0.64 -15.29 -13.59
C THR A 233 0.67 -14.52 -13.49
N MET A 234 0.81 -13.48 -14.29
CA MET A 234 2.09 -12.73 -14.38
C MET A 234 2.29 -11.99 -13.05
N MET A 235 1.24 -11.33 -12.53
CA MET A 235 1.40 -10.51 -11.31
C MET A 235 1.50 -11.45 -10.10
N GLY A 236 0.78 -12.56 -10.14
CA GLY A 236 0.90 -13.69 -9.20
C GLY A 236 2.33 -14.21 -9.16
N ALA A 237 2.99 -14.27 -10.32
CA ALA A 237 4.36 -14.76 -10.42
C ALA A 237 5.26 -13.83 -9.58
N THR A 238 5.04 -12.52 -9.68
CA THR A 238 5.80 -11.48 -8.94
C THR A 238 5.50 -11.57 -7.45
N ALA A 239 4.24 -11.77 -7.08
CA ALA A 239 3.84 -11.96 -5.68
C ALA A 239 4.65 -13.14 -5.10
N GLU A 240 4.82 -14.20 -5.88
CA GLU A 240 5.63 -15.38 -5.47
C GLU A 240 7.14 -15.01 -5.44
N HIS A 241 7.62 -14.22 -6.40
CA HIS A 241 9.03 -13.77 -6.44
C HIS A 241 9.36 -12.96 -5.19
N ILE A 242 8.46 -12.07 -4.75
CA ILE A 242 8.65 -11.21 -3.54
C ILE A 242 8.75 -12.14 -2.34
N LEU A 243 7.82 -13.09 -2.27
CA LEU A 243 7.78 -14.06 -1.15
C LEU A 243 9.10 -14.82 -1.09
N GLN A 244 9.56 -15.34 -2.24
CA GLN A 244 10.79 -16.16 -2.33
C GLN A 244 12.03 -15.31 -2.02
N ALA A 245 12.13 -14.11 -2.60
CA ALA A 245 13.27 -13.20 -2.37
C ALA A 245 13.32 -12.86 -0.88
N CYS A 246 12.15 -12.59 -0.27
CA CYS A 246 12.06 -12.34 1.19
C CYS A 246 12.52 -13.58 1.94
N ARG A 247 12.12 -14.76 1.46
CA ARG A 247 12.48 -16.07 2.09
C ARG A 247 14.01 -16.23 2.03
N ASP A 248 14.61 -15.92 0.88
CA ASP A 248 16.07 -16.04 0.62
C ASP A 248 16.84 -15.07 1.54
N ALA A 249 16.33 -13.87 1.78
CA ALA A 249 17.01 -12.79 2.53
C ALA A 249 16.77 -12.88 4.05
N GLY A 250 15.90 -13.78 4.50
CA GLY A 250 15.61 -14.00 5.94
C GLY A 250 14.71 -12.93 6.53
N VAL A 251 13.90 -12.26 5.70
CA VAL A 251 12.89 -11.23 6.06
C VAL A 251 11.53 -11.90 6.35
N ASP A 252 10.70 -11.29 7.20
CA ASP A 252 9.36 -11.80 7.54
C ASP A 252 8.49 -11.95 6.28
N LEU A 253 7.81 -13.08 6.14
CA LEU A 253 7.03 -13.47 4.93
C LEU A 253 5.53 -13.20 5.12
N ALA A 254 5.09 -12.77 6.30
CA ALA A 254 3.65 -12.66 6.59
C ALA A 254 2.91 -11.86 5.49
N LEU A 255 3.36 -10.62 5.19
CA LEU A 255 2.66 -9.67 4.28
C LEU A 255 2.74 -10.15 2.82
N PRO A 256 3.93 -10.50 2.29
CA PRO A 256 4.01 -11.11 0.97
C PRO A 256 3.18 -12.39 0.81
N GLU A 257 3.12 -13.21 1.86
CA GLU A 257 2.29 -14.45 1.81
C GLU A 257 0.81 -14.06 1.71
N ALA A 258 0.31 -13.09 2.46
CA ALA A 258 -1.12 -12.70 2.35
C ALA A 258 -1.46 -12.31 0.89
N VAL A 259 -0.61 -11.50 0.27
CA VAL A 259 -0.83 -10.94 -1.10
C VAL A 259 -0.74 -12.11 -2.08
N LYS A 260 0.28 -12.96 -1.96
CA LYS A 260 0.43 -14.13 -2.84
C LYS A 260 -0.80 -15.05 -2.72
N SER A 261 -1.36 -15.24 -1.53
CA SER A 261 -2.52 -16.13 -1.31
C SER A 261 -3.75 -15.61 -2.11
N GLN A 262 -3.87 -14.30 -2.32
CA GLN A 262 -4.96 -13.71 -3.14
C GLN A 262 -4.77 -14.17 -4.61
N TYR A 263 -3.56 -14.10 -5.15
CA TYR A 263 -3.24 -14.51 -6.54
C TYR A 263 -3.42 -16.03 -6.65
N ASP A 264 -2.83 -16.79 -5.74
CA ASP A 264 -3.02 -18.27 -5.66
C ASP A 264 -4.50 -18.62 -5.81
N ARG A 265 -5.35 -17.99 -5.01
CA ARG A 265 -6.79 -18.32 -4.92
C ARG A 265 -7.53 -17.86 -6.19
N ALA A 266 -7.23 -16.66 -6.69
CA ALA A 266 -7.87 -16.14 -7.93
C ALA A 266 -7.51 -17.07 -9.10
N ILE A 267 -6.25 -17.48 -9.19
CA ILE A 267 -5.77 -18.37 -10.30
C ILE A 267 -6.50 -19.72 -10.18
N ALA A 268 -6.52 -20.31 -8.99
CA ALA A 268 -7.16 -21.62 -8.78
C ALA A 268 -8.67 -21.52 -9.02
N ALA A 269 -9.27 -20.34 -8.86
CA ALA A 269 -10.68 -20.05 -9.19
C ALA A 269 -10.87 -19.74 -10.70
N GLY A 270 -9.81 -19.81 -11.50
CA GLY A 270 -9.91 -19.81 -12.98
C GLY A 270 -9.55 -18.46 -13.59
N HIS A 271 -8.96 -17.52 -12.83
CA HIS A 271 -8.70 -16.14 -13.31
C HIS A 271 -7.25 -15.93 -13.78
N GLY A 272 -6.50 -17.01 -14.06
CA GLY A 272 -5.12 -16.93 -14.55
C GLY A 272 -4.90 -15.91 -15.68
N GLY A 273 -5.84 -15.78 -16.62
CA GLY A 273 -5.69 -14.94 -17.81
C GLY A 273 -6.37 -13.60 -17.63
N ASP A 274 -6.95 -13.37 -16.45
CA ASP A 274 -7.71 -12.13 -16.15
C ASP A 274 -6.76 -11.11 -15.52
N ASN A 275 -7.19 -9.85 -15.52
CA ASN A 275 -6.52 -8.74 -14.80
C ASN A 275 -6.48 -9.05 -13.30
N TRP A 276 -5.56 -8.40 -12.59
CA TRP A 276 -5.38 -8.52 -11.13
C TRP A 276 -6.70 -8.19 -10.43
N THR A 277 -7.55 -7.36 -11.04
CA THR A 277 -8.85 -6.96 -10.45
C THR A 277 -9.76 -8.19 -10.24
N SER A 278 -9.46 -9.33 -10.86
CA SER A 278 -10.21 -10.61 -10.66
C SER A 278 -10.02 -11.12 -9.22
N LEU A 279 -9.03 -10.58 -8.50
CA LEU A 279 -8.80 -10.97 -7.08
C LEU A 279 -10.00 -10.53 -6.22
N TRP A 280 -10.77 -9.55 -6.68
CA TRP A 280 -12.10 -9.21 -6.10
C TRP A 280 -12.90 -10.48 -5.79
N GLU A 281 -12.84 -11.47 -6.69
CA GLU A 281 -13.59 -12.75 -6.63
C GLU A 281 -13.17 -13.52 -5.38
N VAL A 282 -11.94 -13.37 -4.89
CA VAL A 282 -11.48 -14.11 -3.67
C VAL A 282 -11.40 -13.17 -2.46
N VAL A 283 -11.35 -11.86 -2.65
CA VAL A 283 -11.25 -10.91 -1.51
C VAL A 283 -12.63 -10.53 -1.01
N ALA A 284 -13.59 -10.32 -1.93
CA ALA A 284 -14.92 -9.76 -1.63
C ALA A 284 -15.84 -10.82 -1.02
N LYS A 285 -15.50 -12.11 -1.08
CA LYS A 285 -16.02 -13.12 -0.11
C LYS A 285 -15.00 -14.27 0.07
N THR B 2 21.56 -0.07 -35.76
CA THR B 2 21.38 -0.88 -34.53
C THR B 2 20.29 -1.95 -34.73
N SER B 3 20.46 -3.06 -34.03
CA SER B 3 19.75 -4.35 -34.22
C SER B 3 19.35 -4.87 -32.83
N ALA B 4 18.10 -5.30 -32.62
CA ALA B 4 17.66 -5.87 -31.32
C ALA B 4 16.80 -7.11 -31.53
N THR B 5 16.95 -8.10 -30.64
CA THR B 5 16.03 -9.27 -30.56
C THR B 5 15.21 -9.16 -29.27
N VAL B 6 13.90 -9.38 -29.40
CA VAL B 6 12.93 -9.39 -28.29
C VAL B 6 12.31 -10.77 -28.24
N ILE B 7 12.53 -11.47 -27.14
CA ILE B 7 11.89 -12.78 -26.86
C ILE B 7 10.87 -12.58 -25.74
N GLY B 8 9.60 -12.81 -26.09
CA GLY B 8 8.46 -12.66 -25.18
C GLY B 8 7.62 -11.51 -25.67
N LEU B 9 6.39 -11.82 -26.10
CA LEU B 9 5.48 -10.85 -26.74
C LEU B 9 4.20 -10.79 -25.92
N GLY B 10 4.34 -10.79 -24.59
CA GLY B 10 3.27 -10.25 -23.74
C GLY B 10 3.14 -8.77 -23.99
N PRO B 11 2.24 -8.08 -23.27
CA PRO B 11 2.06 -6.65 -23.47
C PRO B 11 3.39 -5.88 -23.37
N MET B 12 4.32 -6.25 -22.49
CA MET B 12 5.58 -5.45 -22.33
C MET B 12 6.49 -5.71 -23.51
N GLY B 13 6.70 -6.98 -23.87
CA GLY B 13 7.51 -7.36 -25.03
C GLY B 13 7.03 -6.63 -26.27
N GLN B 14 5.72 -6.64 -26.49
CA GLN B 14 5.13 -5.97 -27.67
C GLN B 14 5.38 -4.47 -27.58
N ALA B 15 5.17 -3.84 -26.43
CA ALA B 15 5.40 -2.39 -26.23
C ALA B 15 6.86 -2.05 -26.55
N MET B 16 7.82 -2.84 -26.05
CA MET B 16 9.27 -2.63 -26.30
C MET B 16 9.60 -2.76 -27.79
N VAL B 17 9.04 -3.77 -28.47
CA VAL B 17 9.24 -3.93 -29.95
C VAL B 17 8.78 -2.63 -30.64
N ARG B 18 7.58 -2.13 -30.34
CA ARG B 18 7.03 -0.93 -31.03
C ARG B 18 7.97 0.25 -30.84
N VAL B 19 8.39 0.47 -29.59
CA VAL B 19 9.25 1.63 -29.22
C VAL B 19 10.61 1.46 -29.90
N LEU B 20 11.13 0.24 -29.96
CA LEU B 20 12.44 0.05 -30.65
C LEU B 20 12.28 0.33 -32.15
N LEU B 21 11.19 -0.14 -32.77
CA LEU B 21 10.91 0.06 -34.21
C LEU B 21 10.79 1.57 -34.48
N GLU B 22 9.92 2.26 -33.72
CA GLU B 22 9.65 3.72 -33.83
C GLU B 22 10.93 4.56 -33.72
N HIS B 23 11.97 4.08 -33.04
CA HIS B 23 13.28 4.76 -32.89
C HIS B 23 14.31 4.21 -33.90
N GLY B 24 13.87 3.43 -34.91
CA GLY B 24 14.72 3.01 -36.04
C GLY B 24 15.68 1.88 -35.67
N THR B 25 15.38 1.10 -34.64
CA THR B 25 16.11 -0.17 -34.40
C THR B 25 15.40 -1.29 -35.19
N ALA B 26 16.17 -2.10 -35.91
CA ALA B 26 15.65 -3.36 -36.51
C ALA B 26 15.32 -4.32 -35.35
N VAL B 27 14.14 -4.94 -35.38
CA VAL B 27 13.70 -5.86 -34.29
C VAL B 27 13.40 -7.22 -34.92
N THR B 28 14.11 -8.24 -34.44
CA THR B 28 13.77 -9.66 -34.63
C THR B 28 13.05 -10.11 -33.35
N VAL B 29 11.89 -10.73 -33.50
CA VAL B 29 11.11 -11.24 -32.35
C VAL B 29 11.05 -12.76 -32.39
N TRP B 30 10.84 -13.35 -31.23
CA TRP B 30 10.40 -14.75 -31.10
C TRP B 30 9.40 -14.80 -29.96
N ASN B 31 8.44 -15.70 -30.09
CA ASN B 31 7.41 -15.98 -29.05
C ASN B 31 6.96 -17.43 -29.16
N ARG B 32 6.93 -18.13 -28.04
CA ARG B 32 6.24 -19.43 -27.87
C ARG B 32 4.97 -19.41 -28.71
N THR B 33 4.06 -18.46 -28.47
CA THR B 33 2.80 -18.40 -29.26
C THR B 33 3.06 -17.54 -30.49
N LYS B 34 3.47 -18.19 -31.57
CA LYS B 34 3.73 -17.58 -32.91
C LYS B 34 2.66 -16.53 -33.23
N SER B 35 1.37 -16.83 -33.05
CA SER B 35 0.28 -15.94 -33.52
C SER B 35 0.33 -14.59 -32.80
N ARG B 36 1.03 -14.49 -31.67
CA ARG B 36 1.03 -13.25 -30.87
C ARG B 36 1.87 -12.18 -31.59
N ALA B 37 2.67 -12.57 -32.58
CA ALA B 37 3.63 -11.70 -33.29
C ALA B 37 2.96 -10.91 -34.42
N ASP B 38 1.72 -11.26 -34.81
CA ASP B 38 1.00 -10.67 -35.98
C ASP B 38 1.15 -9.14 -35.98
N ASP B 39 0.81 -8.48 -34.88
CA ASP B 39 0.76 -7.00 -34.85
C ASP B 39 2.18 -6.44 -34.99
N VAL B 40 3.17 -7.01 -34.30
CA VAL B 40 4.56 -6.46 -34.34
C VAL B 40 5.18 -6.71 -35.72
N VAL B 41 4.85 -7.83 -36.36
CA VAL B 41 5.32 -8.11 -37.75
C VAL B 41 4.65 -7.10 -38.70
N ALA B 42 3.36 -6.82 -38.53
CA ALA B 42 2.67 -5.80 -39.36
C ALA B 42 3.36 -4.43 -39.15
N ARG B 43 3.96 -4.18 -37.99
CA ARG B 43 4.68 -2.91 -37.70
C ARG B 43 6.15 -3.01 -38.13
N GLY B 44 6.60 -4.17 -38.61
CA GLY B 44 7.91 -4.30 -39.30
C GLY B 44 8.89 -5.18 -38.56
N ALA B 45 8.48 -5.74 -37.42
CA ALA B 45 9.25 -6.80 -36.74
C ALA B 45 9.38 -7.98 -37.70
N VAL B 46 10.49 -8.72 -37.63
CA VAL B 46 10.68 -10.03 -38.31
C VAL B 46 10.51 -11.14 -37.27
N LEU B 47 9.56 -12.03 -37.51
CA LEU B 47 9.36 -13.25 -36.67
C LEU B 47 10.42 -14.28 -37.08
N ALA B 48 11.34 -14.63 -36.16
CA ALA B 48 12.28 -15.76 -36.30
C ALA B 48 11.53 -17.08 -36.08
N GLY B 49 12.02 -18.16 -36.69
CA GLY B 49 11.42 -19.49 -36.60
C GLY B 49 11.82 -20.16 -35.30
N THR B 50 13.01 -19.84 -34.79
CA THR B 50 13.63 -20.48 -33.60
C THR B 50 14.33 -19.43 -32.74
N PRO B 51 14.41 -19.66 -31.41
CA PRO B 51 15.16 -18.73 -30.54
C PRO B 51 16.62 -18.59 -30.97
N ALA B 52 17.25 -19.68 -31.42
CA ALA B 52 18.62 -19.65 -31.96
C ALA B 52 18.71 -18.66 -33.12
N GLU B 53 17.74 -18.69 -34.05
CA GLU B 53 17.71 -17.73 -35.19
C GLU B 53 17.63 -16.31 -34.61
N ALA B 54 16.74 -16.11 -33.64
CA ALA B 54 16.50 -14.80 -32.99
C ALA B 54 17.82 -14.29 -32.41
N LEU B 55 18.58 -15.18 -31.77
CA LEU B 55 19.92 -14.88 -31.18
C LEU B 55 20.94 -14.51 -32.28
N LYS B 56 20.78 -15.05 -33.48
CA LYS B 56 21.73 -14.78 -34.60
C LYS B 56 21.42 -13.42 -35.26
N ALA B 57 20.22 -12.87 -35.11
CA ALA B 57 19.80 -11.60 -35.78
C ALA B 57 20.13 -10.37 -34.93
N ALA B 58 20.86 -10.50 -33.82
CA ALA B 58 21.27 -9.34 -32.98
C ALA B 58 22.26 -9.75 -31.88
N GLY B 59 23.14 -8.83 -31.51
CA GLY B 59 24.02 -8.89 -30.32
C GLY B 59 23.26 -8.50 -29.05
N LEU B 60 22.21 -7.70 -29.18
CA LEU B 60 21.33 -7.27 -28.04
C LEU B 60 20.03 -8.09 -28.04
N VAL B 61 19.86 -8.90 -26.99
CA VAL B 61 18.71 -9.84 -26.82
C VAL B 61 17.95 -9.44 -25.56
N ILE B 62 16.75 -8.93 -25.73
CA ILE B 62 15.86 -8.50 -24.61
C ILE B 62 14.84 -9.61 -24.35
N LEU B 63 14.79 -10.08 -23.12
CA LEU B 63 13.87 -11.16 -22.65
C LEU B 63 12.78 -10.51 -21.81
N SER B 64 11.52 -10.67 -22.22
CA SER B 64 10.31 -10.17 -21.53
C SER B 64 9.41 -11.37 -21.27
N LEU B 65 9.77 -12.16 -20.26
CA LEU B 65 9.05 -13.42 -19.95
C LEU B 65 8.51 -13.36 -18.51
N THR B 66 7.67 -14.32 -18.15
CA THR B 66 6.92 -14.31 -16.87
C THR B 66 7.92 -14.49 -15.72
N ASP B 67 8.95 -15.29 -15.92
CA ASP B 67 10.00 -15.58 -14.91
C ASP B 67 11.30 -15.96 -15.62
N TYR B 68 12.32 -16.27 -14.84
CA TYR B 68 13.64 -16.65 -15.38
C TYR B 68 13.60 -18.13 -15.81
N GLN B 69 12.69 -18.94 -15.27
CA GLN B 69 12.61 -20.37 -15.67
C GLN B 69 12.27 -20.43 -17.18
N ALA B 70 11.38 -19.56 -17.65
CA ALA B 70 11.02 -19.34 -19.08
C ALA B 70 12.28 -19.08 -19.91
N MET B 71 13.24 -18.31 -19.41
CA MET B 71 14.51 -18.06 -20.13
C MET B 71 15.18 -19.41 -20.47
N TYR B 72 15.28 -20.30 -19.47
CA TYR B 72 15.91 -21.64 -19.62
C TYR B 72 15.10 -22.48 -20.60
N ASP B 73 13.76 -22.43 -20.51
CA ASP B 73 12.85 -23.13 -21.47
C ASP B 73 13.15 -22.67 -22.90
N VAL B 74 13.30 -21.37 -23.13
CA VAL B 74 13.46 -20.80 -24.48
C VAL B 74 14.92 -20.92 -24.98
N LEU B 75 15.93 -20.72 -24.12
CA LEU B 75 17.36 -20.55 -24.51
C LEU B 75 18.16 -21.83 -24.25
N GLY B 76 17.64 -22.77 -23.43
CA GLY B 76 18.30 -24.05 -23.11
C GLY B 76 18.84 -24.75 -24.35
N ASP B 77 18.24 -24.52 -25.52
CA ASP B 77 18.53 -25.24 -26.79
C ASP B 77 19.22 -24.31 -27.81
N ALA B 78 19.85 -23.23 -27.35
CA ALA B 78 20.52 -22.23 -28.20
C ALA B 78 21.96 -22.66 -28.48
N GLY B 79 22.53 -23.49 -27.62
CA GLY B 79 23.96 -23.85 -27.67
C GLY B 79 24.82 -22.62 -27.91
N GLU B 80 25.74 -22.71 -28.88
CA GLU B 80 26.83 -21.72 -29.12
C GLU B 80 26.25 -20.39 -29.63
N ALA B 81 25.00 -20.39 -30.12
CA ALA B 81 24.24 -19.18 -30.55
C ALA B 81 24.16 -18.15 -29.42
N LEU B 82 24.46 -18.52 -28.16
CA LEU B 82 24.50 -17.59 -26.99
C LEU B 82 25.86 -16.88 -26.88
N ALA B 83 26.92 -17.53 -27.35
CA ALA B 83 28.31 -17.05 -27.21
C ALA B 83 28.37 -15.61 -27.69
N GLY B 84 28.86 -14.70 -26.84
CA GLY B 84 29.10 -13.30 -27.20
C GLY B 84 27.83 -12.44 -27.22
N ARG B 85 26.63 -13.00 -27.02
CA ARG B 85 25.38 -12.20 -26.94
C ARG B 85 25.32 -11.50 -25.58
N VAL B 86 24.68 -10.34 -25.58
CA VAL B 86 24.26 -9.62 -24.34
C VAL B 86 22.78 -9.91 -24.13
N VAL B 87 22.46 -10.66 -23.10
CA VAL B 87 21.06 -10.96 -22.72
C VAL B 87 20.63 -9.92 -21.69
N VAL B 88 19.69 -9.07 -22.08
CA VAL B 88 19.05 -8.07 -21.18
C VAL B 88 17.74 -8.72 -20.76
N ASN B 89 17.73 -9.28 -19.56
CA ASN B 89 16.54 -9.99 -19.02
C ASN B 89 15.74 -8.98 -18.20
N LEU B 90 14.55 -8.65 -18.66
CA LEU B 90 13.64 -7.66 -18.04
C LEU B 90 12.43 -8.39 -17.47
N SER B 91 12.67 -9.55 -16.86
CA SER B 91 11.63 -10.47 -16.33
C SER B 91 11.71 -10.49 -14.80
N SER B 92 10.55 -10.61 -14.15
CA SER B 92 10.42 -10.84 -12.68
C SER B 92 11.03 -12.20 -12.29
N ASP B 93 11.85 -12.20 -11.22
CA ASP B 93 12.29 -13.40 -10.48
C ASP B 93 13.00 -12.91 -9.20
N THR B 94 13.60 -13.82 -8.45
CA THR B 94 14.32 -13.48 -7.19
C THR B 94 15.71 -13.03 -7.54
N PRO B 95 16.32 -12.22 -6.66
CA PRO B 95 17.72 -11.85 -6.83
C PRO B 95 18.65 -13.06 -7.01
N GLN B 96 18.45 -14.11 -6.21
CA GLN B 96 19.32 -15.30 -6.23
C GLN B 96 19.24 -16.02 -7.61
N ARG B 97 18.06 -16.16 -8.22
CA ARG B 97 17.91 -16.86 -9.52
C ARG B 97 18.48 -16.01 -10.66
N THR B 98 18.52 -14.69 -10.43
CA THR B 98 19.07 -13.71 -11.38
C THR B 98 20.59 -13.91 -11.41
N ARG B 99 21.20 -14.03 -10.23
CA ARG B 99 22.67 -14.25 -10.06
C ARG B 99 23.03 -15.58 -10.68
N GLU B 100 22.15 -16.56 -10.50
CA GLU B 100 22.32 -17.96 -10.97
C GLU B 100 22.30 -17.97 -12.51
N ALA B 101 21.37 -17.21 -13.08
CA ALA B 101 21.21 -17.03 -14.53
C ALA B 101 22.48 -16.34 -15.08
N ALA B 102 23.05 -15.37 -14.36
CA ALA B 102 24.32 -14.73 -14.74
C ALA B 102 25.40 -15.80 -14.99
N ALA B 103 25.61 -16.72 -14.04
CA ALA B 103 26.58 -17.84 -14.11
C ALA B 103 26.21 -18.79 -15.25
N TRP B 104 24.93 -19.15 -15.39
CA TRP B 104 24.46 -20.09 -16.44
C TRP B 104 24.80 -19.49 -17.81
N LEU B 105 24.44 -18.24 -18.01
CA LEU B 105 24.69 -17.51 -19.26
C LEU B 105 26.19 -17.34 -19.50
N ALA B 106 26.96 -17.09 -18.43
CA ALA B 106 28.43 -16.86 -18.54
C ALA B 106 29.09 -18.14 -19.05
N LYS B 107 28.71 -19.32 -18.54
CA LYS B 107 29.25 -20.65 -18.96
C LYS B 107 29.13 -20.79 -20.49
N ARG B 108 28.16 -20.12 -21.11
CA ARG B 108 27.82 -20.22 -22.55
C ARG B 108 28.26 -18.96 -23.30
N GLY B 109 29.18 -18.17 -22.73
CA GLY B 109 29.79 -17.00 -23.37
C GLY B 109 28.84 -15.82 -23.50
N ALA B 110 27.75 -15.79 -22.72
CA ALA B 110 26.76 -14.70 -22.81
C ALA B 110 26.85 -13.84 -21.56
N THR B 111 26.60 -12.55 -21.71
CA THR B 111 26.60 -11.55 -20.62
C THR B 111 25.15 -11.21 -20.26
N LEU B 112 24.82 -11.32 -18.98
CA LEU B 112 23.50 -10.90 -18.48
C LEU B 112 23.60 -9.46 -17.98
N VAL B 113 22.69 -8.62 -18.44
CA VAL B 113 22.28 -7.36 -17.77
C VAL B 113 20.87 -7.60 -17.26
N ALA B 114 20.71 -7.74 -15.95
CA ALA B 114 19.39 -7.85 -15.32
C ALA B 114 18.74 -6.46 -15.37
N GLY B 115 17.44 -6.41 -15.64
CA GLY B 115 16.65 -5.18 -15.52
C GLY B 115 15.24 -5.44 -15.04
N GLY B 116 14.59 -4.38 -14.62
CA GLY B 116 13.15 -4.35 -14.29
C GLY B 116 12.54 -3.04 -14.74
N ILE B 117 11.53 -3.12 -15.59
CA ILE B 117 10.77 -1.96 -16.13
C ILE B 117 9.77 -1.53 -15.06
N MET B 118 9.73 -0.25 -14.72
CA MET B 118 8.92 0.19 -13.56
C MET B 118 7.62 0.88 -14.00
N VAL B 119 7.15 0.65 -15.24
CA VAL B 119 5.82 1.14 -15.72
C VAL B 119 5.08 0.02 -16.44
N PRO B 120 3.73 0.11 -16.51
CA PRO B 120 2.94 -0.75 -17.37
C PRO B 120 3.15 -0.44 -18.86
N ALA B 121 2.62 -1.30 -19.73
CA ALA B 121 2.96 -1.37 -21.17
C ALA B 121 2.64 -0.04 -21.86
N PRO B 122 1.47 0.60 -21.59
CA PRO B 122 1.13 1.86 -22.23
C PRO B 122 2.11 2.98 -21.90
N LEU B 123 2.92 2.88 -20.85
CA LEU B 123 3.89 3.97 -20.53
C LEU B 123 5.29 3.58 -21.01
N VAL B 124 5.48 2.42 -21.61
CA VAL B 124 6.83 2.02 -22.13
C VAL B 124 7.22 3.07 -23.18
N GLY B 125 8.39 3.70 -23.01
CA GLY B 125 8.95 4.71 -23.92
C GLY B 125 8.41 6.10 -23.68
N ALA B 126 7.45 6.29 -22.76
CA ALA B 126 6.95 7.62 -22.35
C ALA B 126 7.94 8.25 -21.38
N GLU B 127 7.79 9.55 -21.08
CA GLU B 127 8.72 10.37 -20.25
C GLU B 127 8.90 9.74 -18.87
N ALA B 128 7.82 9.14 -18.34
CA ALA B 128 7.67 8.62 -16.97
C ALA B 128 8.16 7.17 -16.82
N SER B 129 8.67 6.57 -17.90
CA SER B 129 9.20 5.18 -17.91
C SER B 129 10.64 5.21 -17.41
N TYR B 130 11.01 4.26 -16.57
CA TYR B 130 12.40 4.07 -16.09
C TYR B 130 12.60 2.57 -15.88
N VAL B 131 13.85 2.13 -15.92
CA VAL B 131 14.21 0.71 -15.90
C VAL B 131 15.44 0.56 -15.02
N PHE B 132 15.35 -0.29 -14.00
CA PHE B 132 16.53 -0.71 -13.20
C PHE B 132 17.36 -1.63 -14.09
N TYR B 133 18.68 -1.46 -14.01
CA TYR B 133 19.70 -2.30 -14.69
C TYR B 133 20.82 -2.60 -13.68
N SER B 134 21.35 -3.81 -13.78
CA SER B 134 22.57 -4.23 -13.04
C SER B 134 23.24 -5.39 -13.79
N GLY B 135 24.54 -5.57 -13.56
CA GLY B 135 25.44 -6.37 -14.41
C GLY B 135 26.61 -5.52 -14.89
N PRO B 136 27.45 -6.02 -15.83
CA PRO B 136 28.69 -5.32 -16.21
C PRO B 136 28.39 -3.94 -16.81
N ARG B 137 28.96 -2.91 -16.18
CA ARG B 137 28.81 -1.46 -16.54
C ARG B 137 29.20 -1.24 -18.00
N ASP B 138 30.35 -1.77 -18.42
CA ASP B 138 30.90 -1.53 -19.79
C ASP B 138 29.86 -2.08 -20.78
N VAL B 139 29.36 -3.29 -20.54
CA VAL B 139 28.43 -3.98 -21.48
C VAL B 139 27.12 -3.20 -21.53
N PHE B 140 26.61 -2.80 -20.36
CA PHE B 140 25.38 -1.98 -20.25
C PHE B 140 25.57 -0.65 -21.00
N ALA B 141 26.71 0.02 -20.75
CA ALA B 141 27.02 1.34 -21.35
C ALA B 141 26.93 1.23 -22.88
N GLU B 142 27.44 0.14 -23.46
CA GLU B 142 27.49 -0.07 -24.93
C GLU B 142 26.07 -0.06 -25.48
N HIS B 143 25.13 -0.69 -24.79
CA HIS B 143 23.76 -0.97 -25.28
C HIS B 143 22.79 0.11 -24.78
N GLU B 144 23.24 0.92 -23.81
CA GLU B 144 22.40 1.94 -23.15
C GLU B 144 21.73 2.83 -24.20
N PRO B 145 22.43 3.25 -25.30
CA PRO B 145 21.82 4.09 -26.33
C PRO B 145 20.56 3.51 -27.00
N VAL B 146 20.49 2.18 -27.15
CA VAL B 146 19.25 1.50 -27.65
C VAL B 146 18.27 1.33 -26.49
N LEU B 147 18.73 0.85 -25.33
CA LEU B 147 17.85 0.49 -24.19
C LEU B 147 17.09 1.72 -23.67
N ARG B 148 17.71 2.90 -23.70
CA ARG B 148 17.14 4.13 -23.09
C ARG B 148 15.81 4.49 -23.76
N HIS B 149 15.52 4.00 -24.97
CA HIS B 149 14.22 4.29 -25.64
C HIS B 149 13.08 3.60 -24.88
N ILE B 150 13.36 2.55 -24.10
CA ILE B 150 12.33 1.81 -23.31
C ILE B 150 11.91 2.67 -22.11
N GLY B 151 12.88 3.39 -21.57
CA GLY B 151 12.71 4.27 -20.41
C GLY B 151 14.07 4.69 -19.91
N ARG B 152 14.09 5.66 -18.99
CA ARG B 152 15.30 6.18 -18.32
C ARG B 152 16.02 5.02 -17.63
N PRO B 153 17.27 4.71 -18.03
CA PRO B 153 18.05 3.69 -17.38
C PRO B 153 18.50 4.15 -16.00
N GLU B 154 18.30 3.26 -15.04
CA GLU B 154 18.69 3.42 -13.65
C GLU B 154 19.66 2.28 -13.33
N TYR B 155 20.92 2.41 -13.74
CA TYR B 155 22.00 1.42 -13.55
C TYR B 155 22.39 1.39 -12.07
N LEU B 156 22.27 0.25 -11.38
CA LEU B 156 22.38 0.22 -9.91
C LEU B 156 23.77 -0.27 -9.49
N GLY B 157 24.46 -0.99 -10.37
CA GLY B 157 25.78 -1.55 -10.09
C GLY B 157 25.96 -2.89 -10.76
N GLU B 158 27.00 -3.61 -10.33
CA GLU B 158 27.59 -4.78 -11.02
C GLU B 158 26.86 -6.06 -10.61
N ASP B 159 26.43 -6.16 -9.35
CA ASP B 159 25.72 -7.36 -8.85
C ASP B 159 24.44 -7.49 -9.68
N HIS B 160 24.33 -8.57 -10.45
CA HIS B 160 23.17 -8.83 -11.36
C HIS B 160 21.84 -8.86 -10.58
N GLY B 161 21.87 -9.29 -9.33
CA GLY B 161 20.67 -9.36 -8.46
C GLY B 161 20.07 -8.01 -8.15
N LEU B 162 20.82 -6.91 -8.24
CA LEU B 162 20.39 -5.57 -7.76
C LEU B 162 19.10 -5.08 -8.44
N ALA B 163 19.04 -5.11 -9.77
CA ALA B 163 17.89 -4.58 -10.54
C ALA B 163 16.61 -5.33 -10.11
N GLN B 164 16.77 -6.63 -9.95
CA GLN B 164 15.69 -7.56 -9.56
C GLN B 164 15.30 -7.27 -8.10
N LEU B 165 16.28 -7.12 -7.21
CA LEU B 165 16.06 -6.68 -5.81
C LEU B 165 15.17 -5.43 -5.81
N PHE B 166 15.55 -4.42 -6.59
CA PHE B 166 14.83 -3.12 -6.60
C PHE B 166 13.43 -3.32 -7.21
N TYR B 167 13.31 -4.20 -8.20
CA TYR B 167 12.02 -4.52 -8.87
C TYR B 167 11.08 -5.14 -7.85
N GLN B 168 11.53 -6.17 -7.14
CA GLN B 168 10.70 -6.93 -6.16
C GLN B 168 10.31 -5.98 -5.01
N ALA B 169 11.23 -5.12 -4.56
CA ALA B 169 10.99 -4.10 -3.51
C ALA B 169 9.88 -3.17 -3.99
N GLU B 170 10.02 -2.64 -5.20
CA GLU B 170 9.00 -1.74 -5.79
C GLU B 170 7.66 -2.47 -5.86
N LEU B 171 7.67 -3.70 -6.38
CA LEU B 171 6.43 -4.46 -6.64
C LEU B 171 5.78 -4.88 -5.31
N THR B 172 6.55 -5.09 -4.23
CA THR B 172 6.04 -5.28 -2.85
C THR B 172 5.16 -4.07 -2.54
N VAL B 173 5.65 -2.87 -2.84
CA VAL B 173 4.83 -1.66 -2.52
C VAL B 173 3.58 -1.67 -3.42
N PHE B 174 3.78 -1.93 -4.71
CA PHE B 174 2.75 -1.70 -5.75
C PHE B 174 1.63 -2.73 -5.56
N LEU B 175 1.99 -4.02 -5.55
CA LEU B 175 1.00 -5.12 -5.48
C LEU B 175 0.25 -5.08 -4.13
N THR B 176 0.96 -4.82 -3.03
CA THR B 176 0.32 -4.87 -1.70
C THR B 176 -0.66 -3.68 -1.61
N SER B 177 -0.29 -2.55 -2.21
CA SER B 177 -1.19 -1.37 -2.30
C SER B 177 -2.46 -1.76 -3.06
N LEU B 178 -2.34 -2.43 -4.22
CA LEU B 178 -3.50 -2.86 -5.03
C LEU B 178 -4.40 -3.80 -4.22
N SER B 179 -3.81 -4.76 -3.49
CA SER B 179 -4.54 -5.66 -2.56
C SER B 179 -5.17 -4.87 -1.42
N ALA B 180 -4.54 -3.80 -0.91
CA ALA B 180 -5.17 -2.96 0.15
C ALA B 180 -6.40 -2.23 -0.40
N TYR B 181 -6.34 -1.77 -1.65
CA TYR B 181 -7.50 -1.14 -2.32
C TYR B 181 -8.66 -2.15 -2.42
N LEU B 182 -8.41 -3.37 -2.92
CA LEU B 182 -9.47 -4.42 -2.98
C LEU B 182 -10.02 -4.67 -1.57
N GLN B 183 -9.13 -4.84 -0.59
CA GLN B 183 -9.52 -5.05 0.83
C GLN B 183 -10.48 -3.94 1.28
N ALA B 184 -10.12 -2.68 1.03
CA ALA B 184 -10.91 -1.50 1.43
C ALA B 184 -12.29 -1.50 0.74
N PHE B 185 -12.32 -1.71 -0.58
CA PHE B 185 -13.58 -1.73 -1.39
C PHE B 185 -14.47 -2.89 -0.98
N ALA B 186 -13.90 -4.03 -0.62
CA ALA B 186 -14.65 -5.22 -0.18
C ALA B 186 -15.38 -4.91 1.13
N LEU B 187 -14.68 -4.31 2.09
CA LEU B 187 -15.31 -3.96 3.38
C LEU B 187 -16.54 -3.08 3.10
N LEU B 188 -16.38 -2.03 2.27
CA LEU B 188 -17.46 -1.08 1.93
C LEU B 188 -18.60 -1.84 1.23
N ALA B 189 -18.29 -2.63 0.21
CA ALA B 189 -19.27 -3.36 -0.62
C ALA B 189 -20.04 -4.38 0.25
N ALA B 190 -19.36 -5.05 1.18
CA ALA B 190 -19.98 -6.07 2.05
C ALA B 190 -20.98 -5.38 3.00
N GLU B 191 -20.70 -4.12 3.37
CA GLU B 191 -21.54 -3.32 4.31
C GLU B 191 -22.61 -2.52 3.57
N GLY B 192 -22.74 -2.65 2.25
CA GLY B 192 -23.78 -1.94 1.48
C GLY B 192 -23.32 -0.61 0.93
N ALA B 193 -22.12 -0.14 1.27
CA ALA B 193 -21.60 1.17 0.85
C ALA B 193 -20.99 1.03 -0.54
N ASP B 194 -20.87 2.15 -1.23
CA ASP B 194 -20.42 2.18 -2.64
C ASP B 194 -18.92 2.47 -2.69
N PRO B 195 -18.09 1.49 -3.11
CA PRO B 195 -16.64 1.68 -3.18
C PRO B 195 -16.23 2.95 -3.93
N ALA B 196 -17.02 3.36 -4.92
CA ALA B 196 -16.78 4.55 -5.76
C ALA B 196 -16.68 5.81 -4.87
N ARG B 197 -17.45 5.86 -3.79
CA ARG B 197 -17.47 7.00 -2.83
C ARG B 197 -16.12 7.10 -2.10
N LEU B 198 -15.40 6.00 -1.92
CA LEU B 198 -14.09 6.00 -1.23
C LEU B 198 -12.97 6.57 -2.11
N VAL B 199 -13.09 6.50 -3.43
CA VAL B 199 -11.96 6.77 -4.39
C VAL B 199 -11.24 8.07 -4.01
N PRO B 200 -11.90 9.24 -3.87
CA PRO B 200 -11.15 10.45 -3.59
C PRO B 200 -10.39 10.38 -2.25
N PHE B 201 -10.96 9.75 -1.23
CA PHE B 201 -10.30 9.61 0.09
C PHE B 201 -9.16 8.60 -0.02
N ALA B 202 -9.30 7.54 -0.82
CA ALA B 202 -8.25 6.50 -0.99
C ALA B 202 -7.00 7.15 -1.62
N ARG B 203 -7.21 8.05 -2.56
CA ARG B 203 -6.14 8.82 -3.25
C ARG B 203 -5.42 9.70 -2.21
N GLU B 204 -6.18 10.42 -1.38
CA GLU B 204 -5.63 11.29 -0.30
C GLU B 204 -4.77 10.47 0.66
N VAL B 205 -5.31 9.35 1.15
CA VAL B 205 -4.61 8.56 2.20
C VAL B 205 -3.41 7.86 1.56
N SER B 206 -3.42 7.53 0.26
CA SER B 206 -2.20 7.01 -0.41
C SER B 206 -1.14 8.12 -0.42
N GLY B 207 -1.52 9.36 -0.77
CA GLY B 207 -0.65 10.54 -0.67
C GLY B 207 -0.11 10.69 0.73
N LEU B 208 -0.96 10.54 1.74
CA LEU B 208 -0.52 10.63 3.15
C LEU B 208 0.50 9.54 3.41
N ALA B 209 0.20 8.30 3.04
CA ALA B 209 1.09 7.14 3.29
C ALA B 209 2.47 7.42 2.69
N ALA B 210 2.56 7.82 1.43
CA ALA B 210 3.84 8.08 0.73
C ALA B 210 4.66 9.18 1.46
N SER B 211 4.00 10.11 2.14
CA SER B 211 4.63 11.23 2.87
C SER B 211 5.38 10.68 4.10
N TYR B 212 5.09 9.47 4.55
CA TYR B 212 5.74 8.86 5.73
C TYR B 212 7.05 8.14 5.37
N LEU B 213 7.44 8.12 4.09
CA LEU B 213 8.58 7.30 3.61
C LEU B 213 9.88 7.74 4.31
N ASP B 214 10.07 9.06 4.50
CA ASP B 214 11.31 9.63 5.08
C ASP B 214 11.42 9.26 6.57
N GLU B 215 10.36 9.48 7.36
CA GLU B 215 10.24 9.01 8.77
C GLU B 215 10.59 7.52 8.81
N THR B 216 10.06 6.73 7.88
CA THR B 216 10.29 5.26 7.86
C THR B 216 11.79 4.99 7.73
N VAL B 217 12.41 5.51 6.69
CA VAL B 217 13.88 5.42 6.42
C VAL B 217 14.65 5.72 7.71
N SER B 218 14.44 6.91 8.27
CA SER B 218 15.31 7.46 9.35
C SER B 218 15.11 6.65 10.65
N GLN B 219 13.88 6.30 11.03
CA GLN B 219 13.63 5.62 12.33
C GLN B 219 14.15 4.18 12.24
N THR B 220 13.99 3.50 11.10
CA THR B 220 14.39 2.08 10.95
C THR B 220 15.93 2.02 10.87
N ARG B 221 16.50 2.91 10.07
CA ARG B 221 17.95 3.20 9.95
C ARG B 221 18.52 3.47 11.35
N ALA B 222 17.88 4.30 12.17
CA ALA B 222 18.31 4.63 13.56
C ALA B 222 17.97 3.53 14.57
N ARG B 223 16.97 2.69 14.28
CA ARG B 223 16.31 1.78 15.24
C ARG B 223 15.86 2.58 16.45
N ALA B 224 15.34 3.78 16.18
CA ALA B 224 14.73 4.72 17.14
C ALA B 224 13.29 4.95 16.69
N TYR B 225 12.35 4.69 17.58
CA TYR B 225 10.89 4.63 17.28
C TYR B 225 10.10 5.43 18.32
N PRO B 226 10.29 6.76 18.46
CA PRO B 226 9.52 7.54 19.43
C PRO B 226 8.02 7.46 19.13
N GLY B 227 7.20 7.11 20.11
CA GLY B 227 5.75 6.92 19.95
C GLY B 227 4.93 8.17 20.27
N ASP B 228 5.53 9.36 20.21
CA ASP B 228 4.91 10.66 20.62
C ASP B 228 3.68 10.99 19.77
N LEU B 229 3.63 10.57 18.50
CA LEU B 229 2.52 10.98 17.60
C LEU B 229 1.60 9.79 17.28
N SER B 230 2.02 8.57 17.61
CA SER B 230 1.34 7.32 17.21
C SER B 230 2.04 6.15 17.89
N THR B 231 1.31 5.27 18.57
CA THR B 231 1.89 4.05 19.16
C THR B 231 1.53 2.81 18.32
N ALA B 232 2.39 1.78 18.39
CA ALA B 232 2.11 0.45 17.81
C ALA B 232 0.85 -0.13 18.49
N THR B 233 0.54 0.24 19.74
CA THR B 233 -0.69 -0.20 20.47
C THR B 233 -1.94 0.44 19.85
N MET B 234 -1.88 1.74 19.54
CA MET B 234 -2.98 2.48 18.91
C MET B 234 -3.15 1.98 17.47
N MET B 235 -2.06 1.76 16.76
CA MET B 235 -2.15 1.39 15.32
C MET B 235 -2.48 -0.09 15.19
N GLY B 236 -1.96 -0.91 16.11
CA GLY B 236 -2.36 -2.32 16.23
C GLY B 236 -3.84 -2.48 16.57
N ALA B 237 -4.39 -1.58 17.38
CA ALA B 237 -5.83 -1.56 17.73
C ALA B 237 -6.62 -1.40 16.44
N THR B 238 -6.22 -0.48 15.56
CA THR B 238 -6.89 -0.27 14.26
C THR B 238 -6.72 -1.52 13.39
N ALA B 239 -5.51 -2.05 13.29
CA ALA B 239 -5.23 -3.30 12.53
C ALA B 239 -6.22 -4.38 12.97
N GLU B 240 -6.49 -4.47 14.27
CA GLU B 240 -7.47 -5.42 14.87
C GLU B 240 -8.91 -5.05 14.50
N HIS B 241 -9.28 -3.77 14.59
CA HIS B 241 -10.63 -3.28 14.18
C HIS B 241 -10.87 -3.60 12.71
N ILE B 242 -9.84 -3.45 11.86
CA ILE B 242 -9.96 -3.76 10.41
C ILE B 242 -10.23 -5.25 10.25
N LEU B 243 -9.42 -6.09 10.89
CA LEU B 243 -9.58 -7.57 10.86
C LEU B 243 -11.00 -7.93 11.34
N GLN B 244 -11.44 -7.38 12.47
CA GLN B 244 -12.77 -7.70 13.06
C GLN B 244 -13.88 -7.26 12.08
N ALA B 245 -13.77 -6.04 11.56
CA ALA B 245 -14.77 -5.40 10.65
C ALA B 245 -14.89 -6.27 9.39
N CYS B 246 -13.74 -6.72 8.86
CA CYS B 246 -13.66 -7.67 7.72
C CYS B 246 -14.30 -9.02 8.11
N ARG B 247 -14.06 -9.50 9.32
CA ARG B 247 -14.72 -10.74 9.80
C ARG B 247 -16.23 -10.53 9.89
N ASP B 248 -16.67 -9.44 10.52
CA ASP B 248 -18.11 -9.05 10.61
C ASP B 248 -18.75 -9.03 9.21
N ALA B 249 -18.04 -8.57 8.17
CA ALA B 249 -18.61 -8.32 6.83
C ALA B 249 -18.47 -9.55 5.90
N GLY B 250 -17.70 -10.56 6.29
CA GLY B 250 -17.60 -11.83 5.56
C GLY B 250 -16.67 -11.68 4.37
N VAL B 251 -15.62 -10.92 4.57
CA VAL B 251 -14.70 -10.51 3.49
C VAL B 251 -13.38 -11.23 3.79
N ASP B 252 -12.48 -11.38 2.81
CA ASP B 252 -11.25 -12.17 3.03
C ASP B 252 -10.44 -11.57 4.19
N LEU B 253 -9.72 -12.39 4.96
CA LEU B 253 -9.02 -11.94 6.19
C LEU B 253 -7.50 -11.93 6.03
N ALA B 254 -6.94 -12.50 4.96
CA ALA B 254 -5.48 -12.73 4.85
C ALA B 254 -4.69 -11.43 5.04
N LEU B 255 -5.01 -10.38 4.29
CA LEU B 255 -4.22 -9.12 4.30
C LEU B 255 -4.29 -8.45 5.68
N PRO B 256 -5.50 -8.17 6.22
CA PRO B 256 -5.62 -7.53 7.53
C PRO B 256 -5.00 -8.38 8.66
N GLU B 257 -5.11 -9.71 8.56
CA GLU B 257 -4.48 -10.61 9.55
C GLU B 257 -2.96 -10.40 9.48
N ALA B 258 -2.32 -10.45 8.29
CA ALA B 258 -0.85 -10.29 8.14
C ALA B 258 -0.42 -8.93 8.73
N VAL B 259 -1.16 -7.85 8.48
CA VAL B 259 -0.80 -6.51 9.02
C VAL B 259 -0.93 -6.55 10.57
N LYS B 260 -2.02 -7.08 11.09
CA LYS B 260 -2.27 -7.19 12.55
C LYS B 260 -1.14 -7.98 13.22
N SER B 261 -0.66 -9.08 12.60
CA SER B 261 0.40 -9.96 13.14
C SER B 261 1.68 -9.15 13.36
N GLN B 262 1.94 -8.17 12.52
CA GLN B 262 3.14 -7.31 12.65
C GLN B 262 3.04 -6.55 13.98
N TYR B 263 1.91 -5.89 14.28
CA TYR B 263 1.72 -5.08 15.51
C TYR B 263 1.72 -6.01 16.74
N ASP B 264 1.04 -7.18 16.68
CA ASP B 264 1.01 -8.16 17.81
C ASP B 264 2.43 -8.56 18.18
N ARG B 265 3.23 -8.93 17.19
CA ARG B 265 4.61 -9.44 17.41
C ARG B 265 5.47 -8.29 17.87
N ALA B 266 5.21 -7.05 17.39
CA ALA B 266 5.93 -5.84 17.88
C ALA B 266 5.60 -5.59 19.36
N ILE B 267 4.31 -5.61 19.73
CA ILE B 267 3.84 -5.37 21.14
C ILE B 267 4.39 -6.46 22.07
N ALA B 268 4.19 -7.74 21.71
CA ALA B 268 4.74 -8.93 22.41
C ALA B 268 6.25 -8.74 22.64
N ALA B 269 6.96 -8.06 21.74
CA ALA B 269 8.39 -7.74 21.88
C ALA B 269 8.62 -6.49 22.75
N GLY B 270 7.59 -5.88 23.35
CA GLY B 270 7.74 -4.68 24.22
C GLY B 270 7.72 -3.34 23.48
N HIS B 271 7.05 -3.22 22.32
CA HIS B 271 7.05 -1.96 21.50
C HIS B 271 5.65 -1.33 21.47
N GLY B 272 4.75 -1.76 22.36
CA GLY B 272 3.41 -1.16 22.53
C GLY B 272 3.44 0.37 22.60
N GLY B 273 4.41 0.96 23.29
CA GLY B 273 4.57 2.43 23.42
C GLY B 273 5.42 3.05 22.32
N ASP B 274 6.03 2.27 21.41
CA ASP B 274 6.93 2.78 20.35
C ASP B 274 6.11 3.14 19.10
N ASN B 275 6.71 3.89 18.17
CA ASN B 275 6.09 4.20 16.86
C ASN B 275 5.89 2.88 16.09
N TRP B 276 4.98 2.91 15.11
CA TRP B 276 4.70 1.78 14.19
C TRP B 276 6.01 1.31 13.51
N THR B 277 6.96 2.21 13.31
CA THR B 277 8.30 1.94 12.69
C THR B 277 9.05 0.86 13.46
N SER B 278 8.70 0.64 14.74
CA SER B 278 9.26 -0.46 15.59
C SER B 278 8.94 -1.83 15.00
N LEU B 279 7.97 -1.94 14.08
CA LEU B 279 7.62 -3.22 13.39
C LEU B 279 8.83 -3.69 12.57
N TRP B 280 9.76 -2.79 12.25
CA TRP B 280 11.09 -3.11 11.67
C TRP B 280 11.70 -4.28 12.45
N GLU B 281 11.65 -4.20 13.77
CA GLU B 281 12.25 -5.17 14.72
C GLU B 281 11.66 -6.58 14.51
N VAL B 282 10.45 -6.71 13.96
CA VAL B 282 9.87 -8.06 13.68
C VAL B 282 9.95 -8.35 12.17
N VAL B 283 10.04 -7.35 11.30
CA VAL B 283 9.99 -7.58 9.83
C VAL B 283 11.39 -7.85 9.26
N ALA B 284 12.42 -7.13 9.73
CA ALA B 284 13.76 -7.07 9.11
C ALA B 284 14.55 -8.36 9.41
N LYS B 285 15.56 -8.67 8.59
CA LYS B 285 16.39 -9.91 8.68
C LYS B 285 16.99 -10.05 10.08
C1 PGE C . 4.41 -2.85 -12.62
O1 PGE C . 4.64 -1.48 -12.31
C2 PGE C . 3.09 -3.09 -13.27
O2 PGE C . 2.69 -4.45 -13.11
C3 PGE C . 1.45 -4.76 -13.74
C4 PGE C . 0.32 -3.96 -13.15
O4 PGE C . -1.65 -1.88 -16.27
C6 PGE C . -2.30 -2.91 -15.50
C5 PGE C . -1.71 -3.11 -14.11
O3 PGE C . -0.29 -3.14 -14.16
C1 PGE D . -4.21 8.98 9.61
O1 PGE D . -5.42 8.48 9.07
C2 PGE D . -3.53 7.99 10.48
O2 PGE D . -2.32 8.55 10.99
C3 PGE D . -1.34 7.58 11.42
C4 PGE D . -1.85 6.86 12.60
O4 PGE D . -5.88 4.43 13.67
C6 PGE D . -4.78 4.70 12.82
C5 PGE D . -3.75 5.64 13.39
O3 PGE D . -3.17 6.40 12.34
C1 PEG E . -1.87 10.80 -4.87
O1 PEG E . -2.10 11.74 -3.83
C2 PEG E . -1.60 9.43 -4.35
O2 PEG E . -0.26 9.03 -4.63
C3 PEG E . 0.70 9.68 -3.80
C4 PEG E . 2.07 9.28 -4.17
O4 PEG E . 2.61 10.11 -5.17
CL CL F . -11.59 23.22 5.63
CA CA G . -9.05 21.50 3.17
PA NDP H . -4.01 6.57 21.78
O1A NDP H . -5.01 5.76 21.01
O2A NDP H . -2.64 6.04 21.99
O5B NDP H . -4.62 7.01 23.18
C5B NDP H . -5.75 7.91 23.19
C4B NDP H . -6.36 7.92 24.55
O4B NDP H . -6.98 6.64 24.83
C3B NDP H . -5.40 8.17 25.73
O3B NDP H . -5.84 9.32 26.44
C2B NDP H . -5.50 6.90 26.58
O2B NDP H . -5.44 7.14 27.99
C1B NDP H . -6.91 6.47 26.22
N9A NDP H . -7.30 5.11 26.56
C8A NDP H . -7.02 3.95 25.88
N7A NDP H . -7.58 2.88 26.40
C5A NDP H . -8.28 3.37 27.50
C6A NDP H . -9.09 2.75 28.47
N6A NDP H . -9.38 1.46 28.46
N1A NDP H . -9.67 3.53 29.41
C2A NDP H . -9.39 4.84 29.40
N3A NDP H . -8.66 5.54 28.53
C4A NDP H . -8.12 4.74 27.61
O3 NDP H . -3.94 8.03 21.08
PN NDP H . -4.15 8.73 19.65
O1N NDP H . -4.36 10.19 19.89
O2N NDP H . -3.02 8.40 18.73
O5D NDP H . -5.48 8.03 19.11
C5D NDP H . -6.81 8.32 19.55
C4D NDP H . -7.79 7.79 18.53
O4D NDP H . -7.61 8.54 17.30
C3D NDP H . -7.64 6.31 18.16
O3D NDP H . -8.91 5.68 17.99
C2D NDP H . -6.87 6.38 16.83
O2D NDP H . -7.15 5.32 15.93
C1D NDP H . -7.40 7.66 16.21
N1N NDP H . -6.47 8.28 15.22
C2N NDP H . -5.14 8.55 15.52
C3N NDP H . -4.36 9.31 14.69
C7N NDP H . -2.92 9.62 15.01
O7N NDP H . -2.20 10.03 14.10
N7N NDP H . -2.43 9.42 16.23
C4N NDP H . -4.95 9.83 13.43
C5N NDP H . -6.32 9.42 13.18
C6N NDP H . -6.98 8.64 14.01
P2B NDP H . -3.94 7.31 28.59
O1X NDP H . -3.51 8.70 28.21
O2X NDP H . -3.08 6.23 27.97
O3X NDP H . -4.10 7.09 30.10
PA NDP I . 3.42 -12.20 -19.41
O1A NDP I . 1.96 -12.39 -19.23
O2A NDP I . 4.32 -12.42 -18.24
O5B NDP I . 3.99 -13.04 -20.64
C5B NDP I . 5.27 -12.61 -21.20
C4B NDP I . 5.81 -13.69 -22.11
O4B NDP I . 6.26 -14.82 -21.34
C3B NDP I . 4.83 -14.28 -23.14
O3B NDP I . 5.46 -14.14 -24.41
C2B NDP I . 4.72 -15.75 -22.75
O2B NDP I . 4.60 -16.63 -23.88
C1B NDP I . 6.11 -15.94 -22.17
N9A NDP I . 6.34 -17.16 -21.40
C8A NDP I . 6.01 -17.39 -20.09
N7A NDP I . 6.39 -18.57 -19.67
C5A NDP I . 7.03 -19.15 -20.75
C6A NDP I . 7.68 -20.39 -20.93
N6A NDP I . 7.82 -21.28 -19.97
N1A NDP I . 8.21 -20.64 -22.16
C2A NDP I . 8.12 -19.70 -23.12
N3A NDP I . 7.56 -18.50 -23.04
C4A NDP I . 7.01 -18.28 -21.84
O3 NDP I . 3.64 -10.73 -19.99
PN NDP I . 3.96 -9.25 -19.44
O1N NDP I . 4.41 -8.51 -20.66
O2N NDP I . 2.77 -8.73 -18.66
O5D NDP I . 5.17 -9.48 -18.44
C5D NDP I . 6.50 -9.73 -18.95
C4D NDP I . 7.51 -9.55 -17.83
O4D NDP I . 7.59 -8.14 -17.55
C3D NDP I . 7.22 -10.25 -16.49
O3D NDP I . 8.39 -10.70 -15.81
C2D NDP I . 6.55 -9.12 -15.68
O2D NDP I . 6.70 -9.25 -14.28
C1D NDP I . 7.30 -7.88 -16.19
N1N NDP I . 6.51 -6.61 -16.12
C2N NDP I . 5.19 -6.53 -16.50
C3N NDP I . 4.54 -5.32 -16.62
C7N NDP I . 3.14 -5.22 -17.10
O7N NDP I . 2.53 -4.19 -16.81
N7N NDP I . 2.59 -6.19 -17.82
C4N NDP I . 5.22 -4.09 -16.19
C5N NDP I . 6.55 -4.32 -15.61
C6N NDP I . 7.17 -5.48 -15.71
P2B NDP I . 3.17 -16.69 -24.64
O1X NDP I . 2.83 -15.40 -25.30
O2X NDP I . 3.30 -17.84 -25.64
O3X NDP I . 2.23 -17.03 -23.56
#